data_6DAK
#
_entry.id   6DAK
#
_cell.length_a   80.969
_cell.length_b   86.191
_cell.length_c   40.528
_cell.angle_alpha   90.00
_cell.angle_beta   90.00
_cell.angle_gamma   90.00
#
_symmetry.space_group_name_H-M   'P 21 21 2'
#
loop_
_entity.id
_entity.type
_entity.pdbx_description
1 polymer 'WD repeat-containing protein 5'
2 non-polymer N-{[3-(6,7-dihydro-5H-pyrrolo[1,2-a]imidazol-2-yl)phenyl]methyl}benzamide
3 non-polymer 'DIMETHYL SULFOXIDE'
4 water water
#
_entity_poly.entity_id   1
_entity_poly.type   'polypeptide(L)'
_entity_poly.pdbx_seq_one_letter_code
;SATQSKPTPVKPNYALKFTLAGHTKAVSSVKFSPNGEWLASSSADKLIKIWGAYDGKFEKTISGHKLGISDVAWSSDSNL
LVSASDDKTLKIWDVSSGKCLKTLKGHSNYVFCCNFNPQSNLIVSGSFDESVRIWDVKTGKCLKTLPAHSDPVSAVHFNR
DGSLIVSSSYDGLCRIWDTASGQCLKTLIDDDNPPVSFVKFSPNGKYILAATLDNTLKLWDYSKGKCLKTYTGHKNEKYC
IFANFSVTGGKWIVSGSEDNLVYIWNLQTKEIVQKLQGHTDVVISTACHPTENIIASAALENDKTIKLWKSDC
;
_entity_poly.pdbx_strand_id   A
#
loop_
_chem_comp.id
_chem_comp.type
_chem_comp.name
_chem_comp.formula
DMS non-polymer 'DIMETHYL SULFOXIDE' 'C2 H6 O S'
G1Y non-polymer N-{[3-(6,7-dihydro-5H-pyrrolo[1,2-a]imidazol-2-yl)phenyl]methyl}benzamide 'C20 H19 N3 O'
#
# COMPACT_ATOMS: atom_id res chain seq x y z
N VAL A 10 19.50 -7.11 17.45
CA VAL A 10 18.91 -5.81 17.72
C VAL A 10 17.41 -5.84 17.46
N LYS A 11 16.65 -5.18 18.33
CA LYS A 11 15.22 -5.02 18.15
C LYS A 11 14.89 -3.53 18.14
N PRO A 12 13.79 -3.15 17.48
CA PRO A 12 13.35 -1.76 17.61
C PRO A 12 12.56 -1.57 18.89
N ASN A 13 12.23 -0.33 19.24
CA ASN A 13 11.40 -0.08 20.42
C ASN A 13 10.28 0.90 20.09
N TYR A 14 9.49 0.56 19.08
CA TYR A 14 8.36 1.40 18.70
C TYR A 14 7.39 1.57 19.85
N ALA A 15 7.00 2.80 20.09
CA ALA A 15 6.07 3.15 21.16
C ALA A 15 5.04 4.11 20.62
N LEU A 16 3.79 3.95 21.07
CA LEU A 16 2.70 4.80 20.63
C LEU A 16 2.94 6.25 20.98
N LYS A 17 2.86 7.13 19.98
CA LYS A 17 3.04 8.56 20.26
C LYS A 17 1.77 9.37 20.02
N PHE A 18 1.06 9.09 18.94
CA PHE A 18 -0.18 9.79 18.67
C PHE A 18 -1.22 8.86 18.10
N THR A 19 -2.47 9.19 18.42
CA THR A 19 -3.63 8.52 17.86
C THR A 19 -4.44 9.56 17.11
N LEU A 20 -4.71 9.26 15.85
CA LEU A 20 -5.33 10.20 14.93
C LEU A 20 -6.75 9.76 14.65
N ALA A 21 -7.71 10.51 15.19
CA ALA A 21 -9.11 10.16 15.02
C ALA A 21 -9.80 11.21 14.16
N GLY A 22 -10.77 10.77 13.35
CA GLY A 22 -11.51 11.67 12.51
C GLY A 22 -12.31 10.97 11.43
N HIS A 23 -11.76 9.90 10.86
CA HIS A 23 -12.57 9.13 9.93
C HIS A 23 -13.75 8.49 10.65
N THR A 24 -14.90 8.44 9.98
CA THR A 24 -16.11 7.96 10.62
C THR A 24 -16.48 6.55 10.19
N LYS A 25 -15.66 5.97 9.31
CA LYS A 25 -15.75 4.56 8.96
C LYS A 25 -14.34 3.97 8.92
N ALA A 26 -14.24 2.68 8.58
CA ALA A 26 -12.96 1.99 8.47
C ALA A 26 -11.92 2.79 7.69
N VAL A 27 -10.70 2.83 8.19
CA VAL A 27 -9.61 3.40 7.43
C VAL A 27 -9.17 2.33 6.44
N SER A 28 -8.69 2.74 5.27
N SER A 28 -8.70 2.75 5.27
CA SER A 28 -8.28 1.77 4.25
CA SER A 28 -8.29 1.84 4.21
C SER A 28 -6.77 1.77 4.01
C SER A 28 -6.79 1.78 4.02
N SER A 29 -6.17 2.95 3.93
CA SER A 29 -4.77 3.05 3.55
C SER A 29 -4.15 4.34 4.05
N VAL A 30 -2.98 4.22 4.68
CA VAL A 30 -2.19 5.40 5.05
C VAL A 30 -0.83 5.37 4.36
N LYS A 31 -0.37 6.56 3.99
CA LYS A 31 0.90 6.71 3.25
C LYS A 31 1.63 7.99 3.68
N PHE A 32 2.93 7.89 3.92
CA PHE A 32 3.73 9.07 4.22
C PHE A 32 4.16 9.78 2.94
N SER A 33 4.09 11.11 2.94
CA SER A 33 4.56 11.86 1.78
C SER A 33 6.07 11.65 1.63
N PRO A 34 6.56 11.59 0.39
CA PRO A 34 8.00 11.37 0.19
C PRO A 34 8.89 12.41 0.87
N ASN A 35 8.39 13.62 1.06
CA ASN A 35 9.22 14.65 1.73
C ASN A 35 9.16 14.54 3.24
N GLY A 36 8.40 13.57 3.74
CA GLY A 36 8.37 13.25 5.16
C GLY A 36 7.49 14.12 6.04
N GLU A 37 6.83 15.11 5.44
CA GLU A 37 6.08 16.10 6.22
C GLU A 37 4.67 15.66 6.57
N TRP A 38 4.09 14.82 5.73
CA TRP A 38 2.66 14.55 5.83
C TRP A 38 2.32 13.07 5.83
N LEU A 39 1.18 12.76 6.43
CA LEU A 39 0.54 11.46 6.27
C LEU A 39 -0.81 11.63 5.57
N ALA A 40 -1.06 10.86 4.52
CA ALA A 40 -2.38 10.83 3.93
C ALA A 40 -3.12 9.58 4.35
N SER A 41 -4.40 9.71 4.65
CA SER A 41 -5.23 8.54 4.92
C SER A 41 -6.45 8.53 4.02
N SER A 42 -6.95 7.33 3.74
CA SER A 42 -8.16 7.19 2.97
C SER A 42 -9.08 6.24 3.72
N SER A 43 -10.38 6.34 3.46
CA SER A 43 -11.33 5.58 4.27
C SER A 43 -12.57 5.16 3.52
N ALA A 44 -13.25 4.17 4.08
CA ALA A 44 -14.59 3.78 3.65
C ALA A 44 -15.60 4.91 3.77
N ASP A 45 -15.25 5.98 4.52
CA ASP A 45 -16.12 7.13 4.62
C ASP A 45 -16.05 8.11 3.44
N LYS A 46 -15.36 7.68 2.37
CA LYS A 46 -15.22 8.41 1.10
C LYS A 46 -14.26 9.61 1.18
N LEU A 47 -13.55 9.75 2.29
CA LEU A 47 -12.68 10.89 2.46
C LEU A 47 -11.19 10.55 2.45
N ILE A 48 -10.40 11.51 1.99
CA ILE A 48 -8.96 11.54 2.22
C ILE A 48 -8.71 12.54 3.34
N LYS A 49 -7.84 12.20 4.29
CA LYS A 49 -7.42 13.21 5.28
C LYS A 49 -5.89 13.35 5.29
N ILE A 50 -5.44 14.57 5.55
CA ILE A 50 -4.02 14.88 5.63
C ILE A 50 -3.68 15.20 7.07
N TRP A 51 -2.56 14.68 7.55
CA TRP A 51 -2.12 14.86 8.94
C TRP A 51 -0.64 15.17 8.98
N GLY A 52 -0.18 15.94 9.98
CA GLY A 52 1.25 16.15 10.16
C GLY A 52 1.96 14.84 10.51
N ALA A 53 3.06 14.54 9.84
CA ALA A 53 3.74 13.26 10.06
C ALA A 53 4.41 13.16 11.43
N TYR A 54 4.75 14.29 12.01
CA TYR A 54 5.58 14.28 13.20
C TYR A 54 4.74 14.46 14.43
N ASP A 55 3.67 15.25 14.31
CA ASP A 55 2.83 15.55 15.48
C ASP A 55 1.42 14.96 15.38
N GLY A 56 1.10 14.37 14.24
CA GLY A 56 -0.22 13.79 14.06
C GLY A 56 -1.32 14.84 13.90
N LYS A 57 -0.95 16.11 13.77
CA LYS A 57 -1.95 17.18 13.78
C LYS A 57 -2.80 17.14 12.51
N PHE A 58 -4.12 17.12 12.67
CA PHE A 58 -5.01 17.09 11.51
C PHE A 58 -4.81 18.35 10.67
N GLU A 59 -4.64 18.17 9.37
CA GLU A 59 -4.42 19.30 8.47
C GLU A 59 -5.65 19.66 7.64
N LYS A 60 -6.17 18.72 6.86
CA LYS A 60 -7.33 19.00 6.00
C LYS A 60 -8.01 17.72 5.49
N THR A 61 -9.26 17.88 5.03
CA THR A 61 -10.03 16.79 4.40
C THR A 61 -10.19 17.05 2.90
N ILE A 62 -9.99 16.00 2.10
CA ILE A 62 -10.16 16.12 0.66
C ILE A 62 -11.30 15.19 0.25
N SER A 63 -12.29 15.74 -0.44
N SER A 63 -12.26 15.73 -0.49
CA SER A 63 -13.53 15.03 -0.74
CA SER A 63 -13.55 15.07 -0.73
C SER A 63 -13.83 15.00 -2.24
C SER A 63 -13.92 15.08 -2.21
N GLY A 64 -14.69 14.08 -2.65
CA GLY A 64 -15.19 14.06 -4.01
C GLY A 64 -15.64 12.71 -4.55
N HIS A 65 -15.03 11.63 -4.06
CA HIS A 65 -15.46 10.29 -4.47
C HIS A 65 -16.88 10.02 -4.00
N LYS A 66 -17.61 9.23 -4.78
CA LYS A 66 -19.03 8.96 -4.53
C LYS A 66 -19.22 7.74 -3.63
N LEU A 67 -18.17 6.94 -3.50
CA LEU A 67 -18.18 5.75 -2.65
C LEU A 67 -16.85 5.65 -1.93
N GLY A 68 -16.71 4.63 -1.09
CA GLY A 68 -15.52 4.45 -0.27
C GLY A 68 -14.22 4.40 -1.05
N ILE A 69 -13.13 4.80 -0.41
CA ILE A 69 -11.80 4.79 -1.01
C ILE A 69 -11.00 3.62 -0.44
N SER A 70 -10.32 2.87 -1.29
CA SER A 70 -9.56 1.71 -0.85
C SER A 70 -8.05 1.97 -0.78
N ASP A 71 -7.55 2.96 -1.51
CA ASP A 71 -6.12 3.20 -1.55
C ASP A 71 -5.82 4.66 -1.92
N VAL A 72 -4.65 5.11 -1.55
CA VAL A 72 -4.20 6.46 -1.85
C VAL A 72 -2.68 6.41 -2.00
N ALA A 73 -2.12 7.30 -2.82
CA ALA A 73 -0.66 7.30 -3.06
C ALA A 73 -0.16 8.68 -3.44
N TRP A 74 1.08 9.01 -3.07
CA TRP A 74 1.67 10.32 -3.30
C TRP A 74 2.50 10.37 -4.56
N SER A 75 2.49 11.51 -5.23
CA SER A 75 3.48 11.78 -6.26
C SER A 75 4.85 11.98 -5.61
N SER A 76 5.91 11.82 -6.39
N SER A 76 5.91 11.85 -6.39
CA SER A 76 7.26 11.90 -5.84
CA SER A 76 7.26 11.90 -5.84
C SER A 76 7.63 13.28 -5.28
C SER A 76 7.62 13.28 -5.27
N ASP A 77 7.00 14.34 -5.79
CA ASP A 77 7.28 15.68 -5.27
C ASP A 77 6.36 16.08 -4.09
N SER A 78 5.56 15.12 -3.63
CA SER A 78 4.64 15.27 -2.50
C SER A 78 3.49 16.25 -2.74
N ASN A 79 3.29 16.67 -3.98
CA ASN A 79 2.25 17.66 -4.27
C ASN A 79 0.90 17.09 -4.71
N LEU A 80 0.91 15.88 -5.28
CA LEU A 80 -0.32 15.25 -5.76
C LEU A 80 -0.62 13.97 -5.00
N LEU A 81 -1.90 13.62 -4.94
CA LEU A 81 -2.34 12.32 -4.48
C LEU A 81 -3.13 11.64 -5.60
N VAL A 82 -3.10 10.31 -5.63
CA VAL A 82 -4.09 9.58 -6.40
C VAL A 82 -4.86 8.67 -5.44
N SER A 83 -6.17 8.56 -5.66
CA SER A 83 -7.01 7.69 -4.84
C SER A 83 -7.75 6.69 -5.69
N ALA A 84 -8.04 5.53 -5.12
CA ALA A 84 -8.72 4.43 -5.80
C ALA A 84 -10.02 4.14 -5.07
N SER A 85 -11.16 4.16 -5.77
CA SER A 85 -12.46 4.12 -5.10
C SER A 85 -13.40 3.01 -5.59
N ASP A 86 -14.33 2.64 -4.72
CA ASP A 86 -15.41 1.72 -5.07
C ASP A 86 -16.30 2.30 -6.17
N ASP A 87 -16.20 3.61 -6.41
CA ASP A 87 -17.02 4.22 -7.45
C ASP A 87 -16.44 3.97 -8.85
N LYS A 88 -15.43 3.10 -8.90
CA LYS A 88 -14.83 2.58 -10.16
C LYS A 88 -13.90 3.58 -10.83
N THR A 89 -13.60 4.68 -10.15
CA THR A 89 -12.66 5.66 -10.67
C THR A 89 -11.43 5.82 -9.79
N LEU A 90 -10.40 6.43 -10.36
CA LEU A 90 -9.34 7.03 -9.55
C LEU A 90 -9.47 8.53 -9.69
N LYS A 91 -9.01 9.28 -8.69
CA LYS A 91 -8.94 10.72 -8.82
C LYS A 91 -7.53 11.18 -8.52
N ILE A 92 -7.07 12.18 -9.27
CA ILE A 92 -5.81 12.84 -9.02
C ILE A 92 -6.08 14.17 -8.36
N TRP A 93 -5.41 14.42 -7.24
CA TRP A 93 -5.67 15.61 -6.43
C TRP A 93 -4.47 16.51 -6.29
N ASP A 94 -4.68 17.82 -6.41
CA ASP A 94 -3.66 18.76 -5.99
C ASP A 94 -3.83 18.98 -4.49
N VAL A 95 -2.87 18.53 -3.70
CA VAL A 95 -3.04 18.53 -2.25
C VAL A 95 -3.21 19.93 -1.65
N SER A 96 -2.42 20.89 -2.10
CA SER A 96 -2.45 22.26 -1.54
CA SER A 96 -2.47 22.24 -1.50
C SER A 96 -3.81 22.94 -1.75
N SER A 97 -4.38 22.79 -2.93
CA SER A 97 -5.65 23.43 -3.25
C SER A 97 -6.85 22.56 -2.93
N GLY A 98 -6.62 21.25 -2.82
CA GLY A 98 -7.67 20.27 -2.64
C GLY A 98 -8.45 19.92 -3.89
N LYS A 99 -8.04 20.50 -5.02
CA LYS A 99 -8.79 20.31 -6.25
C LYS A 99 -8.57 18.92 -6.85
N CYS A 100 -9.65 18.32 -7.34
CA CYS A 100 -9.54 17.13 -8.18
C CYS A 100 -9.12 17.53 -9.59
N LEU A 101 -7.92 17.13 -10.00
CA LEU A 101 -7.35 17.55 -11.28
C LEU A 101 -7.90 16.70 -12.40
N LYS A 102 -8.04 15.40 -12.14
CA LYS A 102 -8.49 14.45 -13.14
C LYS A 102 -9.27 13.32 -12.50
N THR A 103 -10.29 12.84 -13.20
CA THR A 103 -10.95 11.62 -12.79
C THR A 103 -10.63 10.57 -13.84
N LEU A 104 -10.04 9.47 -13.40
CA LEU A 104 -9.59 8.39 -14.29
C LEU A 104 -10.67 7.33 -14.42
N LYS A 105 -11.31 7.29 -15.57
CA LYS A 105 -12.45 6.42 -15.80
C LYS A 105 -12.08 5.30 -16.76
N GLY A 106 -12.48 4.08 -16.43
CA GLY A 106 -12.25 2.97 -17.34
C GLY A 106 -12.42 1.60 -16.74
N HIS A 107 -12.08 1.46 -15.46
CA HIS A 107 -12.32 0.21 -14.78
C HIS A 107 -13.83 -0.06 -14.71
N SER A 108 -14.21 -1.32 -14.72
CA SER A 108 -15.63 -1.67 -14.75
C SER A 108 -16.09 -2.19 -13.39
N ASN A 109 -15.23 -2.12 -12.38
CA ASN A 109 -15.59 -2.53 -11.03
C ASN A 109 -14.72 -1.75 -10.06
N TYR A 110 -14.87 -2.00 -8.77
CA TYR A 110 -14.12 -1.28 -7.74
C TYR A 110 -12.63 -1.18 -8.06
N VAL A 111 -12.04 0.00 -7.85
CA VAL A 111 -10.59 0.14 -7.96
C VAL A 111 -10.03 -0.02 -6.55
N PHE A 112 -9.10 -0.96 -6.39
CA PHE A 112 -8.63 -1.40 -5.07
C PHE A 112 -7.25 -0.91 -4.67
N CYS A 113 -6.40 -0.62 -5.65
CA CYS A 113 -5.01 -0.29 -5.38
C CYS A 113 -4.47 0.69 -6.41
N CYS A 114 -3.54 1.54 -5.99
CA CYS A 114 -2.94 2.51 -6.91
C CYS A 114 -1.55 2.97 -6.48
N ASN A 115 -0.80 3.48 -7.45
CA ASN A 115 0.55 3.98 -7.19
C ASN A 115 1.01 4.87 -8.33
N PHE A 116 1.79 5.90 -8.00
CA PHE A 116 2.55 6.63 -9.02
C PHE A 116 3.84 5.88 -9.35
N ASN A 117 4.37 6.07 -10.56
CA ASN A 117 5.75 5.65 -10.80
C ASN A 117 6.70 6.72 -10.22
N PRO A 118 7.99 6.38 -10.05
CA PRO A 118 8.93 7.37 -9.48
C PRO A 118 8.95 8.71 -10.22
N GLN A 119 8.92 8.69 -11.55
CA GLN A 119 8.86 9.92 -12.33
C GLN A 119 7.54 10.65 -12.09
N SER A 120 6.52 9.88 -11.72
CA SER A 120 5.16 10.37 -11.40
C SER A 120 4.44 10.96 -12.60
N ASN A 121 4.81 10.50 -13.80
CA ASN A 121 4.07 10.86 -14.99
C ASN A 121 3.01 9.80 -15.29
N LEU A 122 3.13 8.66 -14.61
CA LEU A 122 2.18 7.55 -14.74
C LEU A 122 1.56 7.13 -13.41
N ILE A 123 0.37 6.57 -13.51
CA ILE A 123 -0.31 5.90 -12.40
C ILE A 123 -0.61 4.46 -12.81
N VAL A 124 -0.39 3.52 -11.89
CA VAL A 124 -0.88 2.16 -12.09
C VAL A 124 -2.03 1.88 -11.13
N SER A 125 -3.02 1.11 -11.60
CA SER A 125 -4.18 0.77 -10.77
C SER A 125 -4.52 -0.69 -10.94
N GLY A 126 -5.15 -1.25 -9.91
CA GLY A 126 -5.66 -2.61 -9.98
C GLY A 126 -7.11 -2.62 -9.49
N SER A 127 -7.91 -3.52 -10.05
CA SER A 127 -9.34 -3.51 -9.82
C SER A 127 -9.97 -4.90 -9.64
N PHE A 128 -11.18 -4.90 -9.10
CA PHE A 128 -11.97 -6.12 -9.00
C PHE A 128 -12.33 -6.64 -10.38
N ASP A 129 -12.19 -5.81 -11.40
CA ASP A 129 -12.46 -6.26 -12.78
C ASP A 129 -11.32 -7.12 -13.34
N GLU A 130 -10.33 -7.40 -12.50
CA GLU A 130 -9.22 -8.33 -12.78
C GLU A 130 -8.17 -7.74 -13.71
N SER A 131 -8.26 -6.45 -13.99
CA SER A 131 -7.28 -5.81 -14.85
C SER A 131 -6.33 -4.90 -14.07
N VAL A 132 -5.19 -4.62 -14.69
CA VAL A 132 -4.26 -3.60 -14.23
C VAL A 132 -4.25 -2.52 -15.29
N ARG A 133 -4.40 -1.26 -14.90
N ARG A 133 -4.40 -1.26 -14.90
CA ARG A 133 -4.39 -0.19 -15.89
CA ARG A 133 -4.39 -0.19 -15.87
C ARG A 133 -3.27 0.81 -15.63
C ARG A 133 -3.23 0.78 -15.62
N ILE A 134 -2.72 1.36 -16.71
CA ILE A 134 -1.65 2.33 -16.64
C ILE A 134 -2.17 3.63 -17.22
N TRP A 135 -2.07 4.72 -16.45
CA TRP A 135 -2.70 5.98 -16.83
C TRP A 135 -1.67 7.10 -16.99
N ASP A 136 -1.93 8.03 -17.91
CA ASP A 136 -1.12 9.23 -18.01
C ASP A 136 -1.62 10.30 -17.05
N VAL A 137 -0.75 10.76 -16.17
CA VAL A 137 -1.14 11.72 -15.13
C VAL A 137 -1.62 13.04 -15.74
N LYS A 138 -0.91 13.52 -16.73
CA LYS A 138 -1.24 14.84 -17.28
C LYS A 138 -2.53 14.87 -18.11
N THR A 139 -2.83 13.78 -18.82
CA THR A 139 -4.03 13.79 -19.64
C THR A 139 -5.21 13.11 -18.93
N GLY A 140 -4.90 12.26 -17.95
CA GLY A 140 -5.94 11.53 -17.26
C GLY A 140 -6.44 10.33 -18.04
N LYS A 141 -5.80 10.06 -19.17
CA LYS A 141 -6.23 8.97 -20.03
C LYS A 141 -5.52 7.65 -19.75
N CYS A 142 -6.24 6.54 -19.96
CA CYS A 142 -5.68 5.22 -19.80
C CYS A 142 -4.79 4.88 -21.00
N LEU A 143 -3.54 4.55 -20.74
CA LEU A 143 -2.62 4.16 -21.80
C LEU A 143 -2.67 2.68 -22.15
N LYS A 144 -2.81 1.84 -21.12
CA LYS A 144 -2.82 0.38 -21.32
C LYS A 144 -3.78 -0.31 -20.36
N THR A 145 -4.44 -1.34 -20.86
CA THR A 145 -5.17 -2.27 -20.01
C THR A 145 -4.51 -3.64 -20.11
N LEU A 146 -4.00 -4.12 -18.99
CA LEU A 146 -3.34 -5.41 -18.95
C LEU A 146 -4.32 -6.46 -18.47
N PRO A 147 -4.40 -7.61 -19.18
CA PRO A 147 -5.29 -8.70 -18.79
C PRO A 147 -4.59 -9.52 -17.71
N ALA A 148 -4.41 -8.88 -16.56
CA ALA A 148 -3.38 -9.30 -15.63
C ALA A 148 -3.67 -10.59 -14.91
N HIS A 149 -4.92 -10.76 -14.49
CA HIS A 149 -5.28 -11.83 -13.58
C HIS A 149 -6.67 -12.38 -13.85
N SER A 150 -7.03 -13.48 -13.18
CA SER A 150 -8.33 -14.09 -13.38
C SER A 150 -9.17 -14.01 -12.10
N ASP A 151 -8.79 -13.08 -11.22
CA ASP A 151 -9.53 -12.76 -10.00
C ASP A 151 -9.19 -11.32 -9.66
N PRO A 152 -9.90 -10.71 -8.70
CA PRO A 152 -9.58 -9.33 -8.36
C PRO A 152 -8.10 -9.07 -8.07
N VAL A 153 -7.63 -7.91 -8.49
CA VAL A 153 -6.24 -7.50 -8.27
C VAL A 153 -6.11 -6.84 -6.91
N SER A 154 -5.23 -7.37 -6.07
CA SER A 154 -5.12 -6.88 -4.69
C SER A 154 -4.07 -5.80 -4.51
N ALA A 155 -3.06 -5.74 -5.38
CA ALA A 155 -2.01 -4.72 -5.25
C ALA A 155 -1.28 -4.48 -6.55
N VAL A 156 -0.73 -3.28 -6.69
CA VAL A 156 0.12 -2.90 -7.82
C VAL A 156 1.23 -1.96 -7.33
N HIS A 157 2.43 -2.08 -7.89
CA HIS A 157 3.56 -1.29 -7.42
C HIS A 157 4.60 -1.16 -8.53
N PHE A 158 5.17 0.04 -8.72
CA PHE A 158 6.31 0.23 -9.61
C PHE A 158 7.62 -0.05 -8.88
N ASN A 159 8.61 -0.58 -9.61
CA ASN A 159 9.95 -0.68 -9.06
C ASN A 159 10.67 0.69 -9.08
N ARG A 160 11.93 0.69 -8.67
CA ARG A 160 12.63 1.93 -8.36
C ARG A 160 12.84 2.88 -9.55
N ASP A 161 12.91 2.36 -10.78
CA ASP A 161 13.05 3.24 -11.92
C ASP A 161 11.81 3.23 -12.82
N GLY A 162 10.74 2.62 -12.33
CA GLY A 162 9.48 2.62 -13.03
C GLY A 162 9.42 1.73 -14.25
N SER A 163 10.47 0.95 -14.48
CA SER A 163 10.49 0.10 -15.67
C SER A 163 9.60 -1.12 -15.49
N LEU A 164 9.32 -1.48 -14.24
CA LEU A 164 8.54 -2.68 -13.94
C LEU A 164 7.36 -2.36 -13.06
N ILE A 165 6.29 -3.13 -13.25
CA ILE A 165 5.14 -3.15 -12.34
C ILE A 165 4.97 -4.55 -11.77
N VAL A 166 4.72 -4.65 -10.47
CA VAL A 166 4.34 -5.95 -9.95
C VAL A 166 2.86 -5.89 -9.55
N SER A 167 2.14 -6.97 -9.83
CA SER A 167 0.74 -7.10 -9.44
C SER A 167 0.49 -8.40 -8.70
N SER A 168 -0.54 -8.39 -7.85
CA SER A 168 -0.95 -9.61 -7.18
C SER A 168 -2.46 -9.79 -7.25
N SER A 169 -2.90 -11.02 -7.01
CA SER A 169 -4.31 -11.31 -7.15
C SER A 169 -4.74 -12.50 -6.30
N TYR A 170 -6.04 -12.55 -6.05
CA TYR A 170 -6.66 -13.70 -5.43
C TYR A 170 -6.53 -14.97 -6.27
N ASP A 171 -6.08 -14.84 -7.51
CA ASP A 171 -5.85 -16.02 -8.36
C ASP A 171 -4.57 -16.74 -7.93
N GLY A 172 -3.90 -16.19 -6.93
CA GLY A 172 -2.76 -16.85 -6.34
C GLY A 172 -1.44 -16.53 -7.01
N LEU A 173 -1.48 -15.61 -7.98
CA LEU A 173 -0.29 -15.25 -8.74
C LEU A 173 0.28 -13.87 -8.40
N CYS A 174 1.61 -13.76 -8.47
N CYS A 174 1.59 -13.75 -8.54
CA CYS A 174 2.29 -12.48 -8.62
CA CYS A 174 2.27 -12.48 -8.60
C CYS A 174 2.82 -12.39 -10.04
C CYS A 174 2.93 -12.33 -9.97
N ARG A 175 2.61 -11.26 -10.69
CA ARG A 175 3.16 -11.07 -12.04
C ARG A 175 3.95 -9.78 -12.17
N ILE A 176 4.98 -9.83 -13.01
CA ILE A 176 5.83 -8.68 -13.27
C ILE A 176 5.59 -8.23 -14.70
N TRP A 177 5.36 -6.94 -14.86
CA TRP A 177 5.03 -6.37 -16.15
C TRP A 177 6.08 -5.36 -16.59
N ASP A 178 6.40 -5.38 -17.87
CA ASP A 178 7.16 -4.30 -18.48
C ASP A 178 6.26 -3.09 -18.67
N THR A 179 6.59 -1.99 -17.98
CA THR A 179 5.78 -0.78 -18.05
C THR A 179 5.59 -0.28 -19.48
N ALA A 180 6.69 -0.19 -20.23
CA ALA A 180 6.65 0.41 -21.56
C ALA A 180 5.80 -0.39 -22.54
N SER A 181 5.91 -1.71 -22.51
CA SER A 181 5.22 -2.54 -23.49
C SER A 181 3.93 -3.17 -23.00
N GLY A 182 3.79 -3.29 -21.68
CA GLY A 182 2.66 -3.99 -21.11
C GLY A 182 2.77 -5.51 -21.11
N GLN A 183 3.88 -6.05 -21.62
CA GLN A 183 4.05 -7.48 -21.66
C GLN A 183 4.33 -8.07 -20.28
N CYS A 184 3.79 -9.26 -20.04
CA CYS A 184 4.06 -10.01 -18.83
C CYS A 184 5.45 -10.65 -18.91
N LEU A 185 6.33 -10.22 -18.02
CA LEU A 185 7.71 -10.70 -17.99
C LEU A 185 7.88 -11.93 -17.10
N LYS A 186 7.05 -12.05 -16.08
CA LYS A 186 7.24 -13.13 -15.14
C LYS A 186 5.97 -13.46 -14.40
N THR A 187 5.73 -14.75 -14.20
CA THR A 187 4.70 -15.20 -13.27
C THR A 187 5.37 -15.96 -12.14
N LEU A 188 5.14 -15.52 -10.90
CA LEU A 188 5.75 -16.18 -9.77
C LEU A 188 4.77 -17.11 -9.09
N ILE A 189 5.16 -18.36 -8.94
CA ILE A 189 4.35 -19.30 -8.18
C ILE A 189 5.25 -20.31 -7.47
N ASP A 190 4.93 -20.60 -6.21
CA ASP A 190 5.75 -21.46 -5.38
C ASP A 190 5.20 -22.88 -5.39
N ASP A 191 5.14 -23.49 -4.21
CA ASP A 191 4.67 -24.87 -4.07
C ASP A 191 3.15 -24.95 -3.99
N ASP A 192 2.52 -23.81 -3.78
CA ASP A 192 1.06 -23.72 -3.71
C ASP A 192 0.66 -22.32 -4.19
N ASN A 193 -0.64 -22.08 -4.41
CA ASN A 193 -1.05 -20.74 -4.82
C ASN A 193 -2.28 -20.19 -4.07
N PRO A 194 -2.16 -20.03 -2.74
CA PRO A 194 -3.20 -19.32 -1.99
C PRO A 194 -3.37 -17.88 -2.50
N PRO A 195 -4.54 -17.27 -2.27
CA PRO A 195 -4.73 -15.88 -2.69
C PRO A 195 -3.60 -14.97 -2.25
N VAL A 196 -3.07 -14.19 -3.17
CA VAL A 196 -2.06 -13.19 -2.84
C VAL A 196 -2.76 -11.88 -2.58
N SER A 197 -2.58 -11.36 -1.36
CA SER A 197 -3.36 -10.22 -0.90
C SER A 197 -2.60 -8.92 -0.90
N PHE A 198 -1.29 -8.98 -1.12
CA PHE A 198 -0.46 -7.78 -1.22
C PHE A 198 0.89 -8.11 -1.84
N VAL A 199 1.45 -7.14 -2.55
N VAL A 199 1.44 -7.18 -2.61
CA VAL A 199 2.79 -7.27 -3.09
CA VAL A 199 2.82 -7.30 -3.12
C VAL A 199 3.43 -5.90 -3.25
C VAL A 199 3.44 -5.91 -3.29
N LYS A 200 4.74 -5.81 -3.05
CA LYS A 200 5.49 -4.59 -3.39
C LYS A 200 6.98 -4.92 -3.59
N PHE A 201 7.65 -4.14 -4.44
CA PHE A 201 9.10 -4.26 -4.60
C PHE A 201 9.84 -3.79 -3.34
N SER A 202 11.00 -4.38 -3.08
CA SER A 202 11.93 -3.83 -2.11
C SER A 202 12.45 -2.49 -2.64
N PRO A 203 12.94 -1.62 -1.75
CA PRO A 203 13.51 -0.34 -2.20
C PRO A 203 14.60 -0.46 -3.28
N ASN A 204 15.49 -1.44 -3.16
CA ASN A 204 16.54 -1.61 -4.17
C ASN A 204 16.00 -2.26 -5.44
N GLY A 205 14.78 -2.77 -5.38
CA GLY A 205 14.13 -3.34 -6.54
C GLY A 205 14.58 -4.73 -6.89
N LYS A 206 15.39 -5.34 -6.02
CA LYS A 206 15.88 -6.71 -6.23
C LYS A 206 14.86 -7.75 -5.78
N TYR A 207 14.03 -7.39 -4.81
CA TYR A 207 13.11 -8.35 -4.22
C TYR A 207 11.67 -7.93 -4.31
N ILE A 208 10.80 -8.88 -4.03
CA ILE A 208 9.37 -8.63 -3.95
C ILE A 208 8.82 -9.24 -2.66
N LEU A 209 8.06 -8.47 -1.91
CA LEU A 209 7.41 -8.93 -0.70
C LEU A 209 5.96 -9.26 -1.02
N ALA A 210 5.54 -10.49 -0.76
CA ALA A 210 4.18 -10.89 -1.11
C ALA A 210 3.47 -11.50 0.09
N ALA A 211 2.25 -11.04 0.33
CA ALA A 211 1.42 -11.60 1.38
C ALA A 211 0.38 -12.54 0.79
N THR A 212 0.14 -13.66 1.47
CA THR A 212 -0.90 -14.59 1.05
C THR A 212 -1.83 -14.86 2.23
N LEU A 213 -3.07 -15.25 1.91
CA LEU A 213 -4.11 -15.39 2.92
C LEU A 213 -4.04 -16.73 3.63
N ASP A 214 -2.81 -17.17 3.87
CA ASP A 214 -2.54 -18.32 4.71
C ASP A 214 -1.59 -17.91 5.83
N ASN A 215 -1.76 -16.69 6.30
CA ASN A 215 -0.98 -16.16 7.42
C ASN A 215 0.52 -16.13 7.15
N THR A 216 0.87 -15.82 5.92
CA THR A 216 2.27 -15.86 5.50
C THR A 216 2.70 -14.68 4.64
N LEU A 217 3.89 -14.16 4.92
CA LEU A 217 4.57 -13.22 4.03
C LEU A 217 5.82 -13.86 3.46
N LYS A 218 6.11 -13.60 2.18
CA LYS A 218 7.28 -14.18 1.55
C LYS A 218 8.11 -13.13 0.82
N LEU A 219 9.43 -13.23 0.97
CA LEU A 219 10.37 -12.40 0.21
C LEU A 219 10.90 -13.18 -0.99
N TRP A 220 10.60 -12.67 -2.19
CA TRP A 220 11.01 -13.32 -3.43
C TRP A 220 12.20 -12.62 -4.08
N ASP A 221 13.18 -13.40 -4.52
CA ASP A 221 14.10 -12.89 -5.53
C ASP A 221 13.35 -13.04 -6.83
N TYR A 222 12.89 -11.95 -7.43
N TYR A 222 12.95 -11.89 -7.36
CA TYR A 222 12.03 -12.14 -8.59
CA TYR A 222 12.11 -11.80 -8.55
C TYR A 222 12.81 -12.38 -9.88
C TYR A 222 12.81 -12.33 -9.79
N SER A 223 14.05 -11.88 -9.96
CA SER A 223 14.84 -12.13 -11.16
C SER A 223 15.13 -13.62 -11.33
N LYS A 224 15.30 -14.31 -10.21
CA LYS A 224 15.60 -15.73 -10.23
C LYS A 224 14.35 -16.57 -9.96
N GLY A 225 13.24 -15.90 -9.68
CA GLY A 225 11.97 -16.55 -9.42
C GLY A 225 11.99 -17.54 -8.27
N LYS A 226 12.58 -17.15 -7.13
CA LYS A 226 12.62 -18.04 -5.98
C LYS A 226 12.35 -17.31 -4.67
N CYS A 227 11.73 -18.03 -3.73
CA CYS A 227 11.47 -17.51 -2.39
C CYS A 227 12.71 -17.65 -1.51
N LEU A 228 13.09 -16.55 -0.88
CA LEU A 228 14.27 -16.49 -0.01
C LEU A 228 13.89 -16.52 1.47
N LYS A 229 12.84 -15.80 1.82
CA LYS A 229 12.44 -15.66 3.22
C LYS A 229 10.94 -15.87 3.41
N THR A 230 10.57 -16.37 4.59
CA THR A 230 9.18 -16.54 4.97
C THR A 230 8.93 -15.92 6.35
N TYR A 231 7.87 -15.14 6.50
CA TYR A 231 7.54 -14.52 7.78
C TYR A 231 6.16 -14.96 8.24
N THR A 232 6.07 -15.48 9.47
CA THR A 232 4.81 -15.94 10.02
C THR A 232 4.62 -15.53 11.47
N GLY A 233 3.49 -15.90 12.04
CA GLY A 233 3.19 -15.59 13.44
C GLY A 233 2.01 -14.65 13.58
N HIS A 234 1.72 -13.92 12.51
CA HIS A 234 0.60 -12.99 12.48
C HIS A 234 -0.65 -13.69 11.97
N LYS A 235 -1.77 -12.98 11.95
CA LYS A 235 -3.00 -13.55 11.43
C LYS A 235 -3.45 -12.82 10.17
N ASN A 236 -3.61 -13.55 9.08
CA ASN A 236 -4.00 -12.94 7.82
C ASN A 236 -4.66 -13.98 6.92
N GLU A 237 -5.97 -14.12 7.05
CA GLU A 237 -6.71 -15.10 6.27
C GLU A 237 -7.88 -14.51 5.51
N LYS A 238 -8.17 -13.23 5.73
CA LYS A 238 -9.38 -12.65 5.16
C LYS A 238 -9.18 -11.31 4.44
N TYR A 239 -8.29 -10.47 4.97
CA TYR A 239 -8.15 -9.12 4.45
C TYR A 239 -6.84 -8.86 3.72
N CYS A 240 -6.88 -7.90 2.81
CA CYS A 240 -5.69 -7.50 2.09
C CYS A 240 -4.99 -6.42 2.89
N ILE A 241 -3.95 -6.84 3.60
CA ILE A 241 -3.22 -5.99 4.52
C ILE A 241 -1.93 -5.48 3.89
N PHE A 242 -1.68 -4.18 3.98
CA PHE A 242 -0.44 -3.60 3.49
C PHE A 242 0.75 -4.09 4.33
N ALA A 243 1.89 -4.29 3.68
CA ALA A 243 3.14 -4.61 4.37
C ALA A 243 4.26 -3.72 3.86
N ASN A 244 5.38 -3.65 4.59
CA ASN A 244 6.43 -2.70 4.26
C ASN A 244 7.83 -3.21 4.55
N PHE A 245 8.80 -2.61 3.86
CA PHE A 245 10.21 -2.67 4.25
C PHE A 245 10.53 -1.45 5.08
N SER A 246 10.99 -1.66 6.30
CA SER A 246 11.49 -0.55 7.12
C SER A 246 13.01 -0.46 6.99
N VAL A 247 13.50 0.70 6.56
CA VAL A 247 14.91 0.82 6.20
C VAL A 247 15.62 2.02 6.82
N THR A 248 14.93 2.81 7.63
CA THR A 248 15.53 4.00 8.24
C THR A 248 16.45 3.65 9.40
N GLY A 249 16.14 2.56 10.09
CA GLY A 249 16.95 2.09 11.19
C GLY A 249 17.37 0.65 10.95
N GLY A 250 16.96 -0.25 11.84
CA GLY A 250 17.16 -1.67 11.60
C GLY A 250 16.36 -2.09 10.37
N LYS A 251 16.76 -3.19 9.74
CA LYS A 251 16.09 -3.66 8.54
C LYS A 251 14.96 -4.61 8.89
N TRP A 252 13.73 -4.11 8.83
CA TRP A 252 12.56 -4.87 9.26
C TRP A 252 11.54 -5.13 8.16
N ILE A 253 10.67 -6.12 8.41
CA ILE A 253 9.42 -6.25 7.68
C ILE A 253 8.28 -5.85 8.63
N VAL A 254 7.38 -5.01 8.15
CA VAL A 254 6.27 -4.51 8.95
C VAL A 254 4.95 -4.85 8.30
N SER A 255 4.00 -5.37 9.08
CA SER A 255 2.67 -5.65 8.55
C SER A 255 1.58 -5.50 9.61
N GLY A 256 0.37 -5.19 9.18
CA GLY A 256 -0.78 -5.28 10.09
C GLY A 256 -1.19 -6.74 10.24
N SER A 257 -2.26 -6.99 10.98
CA SER A 257 -2.65 -8.35 11.33
C SER A 257 -4.09 -8.35 11.79
N GLU A 258 -4.76 -9.48 11.63
CA GLU A 258 -6.19 -9.59 11.95
C GLU A 258 -6.45 -9.83 13.44
N ASP A 259 -5.37 -9.89 14.23
CA ASP A 259 -5.50 -9.93 15.69
C ASP A 259 -5.27 -8.55 16.31
N ASN A 260 -5.41 -7.52 15.47
CA ASN A 260 -5.36 -6.09 15.88
C ASN A 260 -3.97 -5.58 16.25
N LEU A 261 -2.92 -6.31 15.88
CA LEU A 261 -1.55 -5.90 16.18
C LEU A 261 -0.75 -5.51 14.94
N VAL A 262 0.27 -4.68 15.15
CA VAL A 262 1.28 -4.45 14.12
C VAL A 262 2.44 -5.39 14.39
N TYR A 263 2.82 -6.19 13.39
CA TYR A 263 3.94 -7.12 13.56
C TYR A 263 5.19 -6.55 12.88
N ILE A 264 6.33 -6.72 13.55
CA ILE A 264 7.61 -6.32 12.99
C ILE A 264 8.57 -7.51 13.05
N TRP A 265 9.13 -7.90 11.91
CA TRP A 265 10.11 -8.98 11.84
C TRP A 265 11.49 -8.46 11.49
N ASN A 266 12.51 -9.15 11.97
CA ASN A 266 13.85 -9.02 11.42
C ASN A 266 13.86 -9.64 10.01
N LEU A 267 14.22 -8.84 9.00
CA LEU A 267 14.16 -9.32 7.61
C LEU A 267 15.02 -10.56 7.38
N GLN A 268 16.19 -10.57 8.00
CA GLN A 268 17.16 -11.65 7.79
C GLN A 268 16.83 -12.93 8.52
N THR A 269 16.51 -12.82 9.81
CA THR A 269 16.34 -14.00 10.65
C THR A 269 14.88 -14.45 10.68
N LYS A 270 14.00 -13.58 10.21
CA LYS A 270 12.56 -13.85 10.10
C LYS A 270 11.84 -13.97 11.44
N GLU A 271 12.55 -13.68 12.53
CA GLU A 271 11.92 -13.75 13.84
C GLU A 271 11.17 -12.46 14.14
N ILE A 272 10.06 -12.58 14.85
CA ILE A 272 9.31 -11.42 15.29
C ILE A 272 10.13 -10.65 16.31
N VAL A 273 10.30 -9.35 16.09
CA VAL A 273 11.09 -8.55 17.00
C VAL A 273 10.20 -7.57 17.78
N GLN A 274 8.99 -7.32 17.30
CA GLN A 274 8.05 -6.51 18.08
C GLN A 274 6.59 -6.71 17.65
N LYS A 275 5.68 -6.61 18.60
CA LYS A 275 4.24 -6.58 18.29
C LYS A 275 3.60 -5.37 18.96
N LEU A 276 3.05 -4.45 18.16
CA LEU A 276 2.52 -3.19 18.67
C LEU A 276 1.05 -3.33 19.04
N GLN A 277 0.73 -3.08 20.31
N GLN A 277 0.74 -3.09 20.31
CA GLN A 277 -0.61 -3.20 20.83
CA GLN A 277 -0.62 -3.20 20.82
C GLN A 277 -1.29 -1.84 21.00
C GLN A 277 -1.27 -1.83 20.94
N GLY A 278 -2.56 -1.75 20.64
CA GLY A 278 -3.31 -0.52 20.80
C GLY A 278 -4.60 -0.48 19.99
N HIS A 279 -4.57 -1.01 18.78
CA HIS A 279 -5.77 -0.99 17.97
C HIS A 279 -6.84 -1.95 18.48
N THR A 280 -8.07 -1.69 18.09
CA THR A 280 -9.22 -2.48 18.58
C THR A 280 -9.93 -3.20 17.43
N ASP A 281 -9.36 -3.13 16.23
CA ASP A 281 -9.86 -3.88 15.09
C ASP A 281 -8.68 -4.23 14.18
N VAL A 282 -8.96 -4.98 13.12
CA VAL A 282 -7.92 -5.40 12.18
C VAL A 282 -7.04 -4.24 11.72
N VAL A 283 -5.73 -4.41 11.79
CA VAL A 283 -4.81 -3.40 11.31
C VAL A 283 -4.60 -3.64 9.80
N ILE A 284 -5.30 -2.86 9.00
CA ILE A 284 -5.34 -3.10 7.55
C ILE A 284 -4.16 -2.46 6.84
N SER A 285 -3.60 -1.40 7.40
CA SER A 285 -2.59 -0.63 6.70
C SER A 285 -1.50 -0.20 7.64
N THR A 286 -0.26 -0.35 7.19
CA THR A 286 0.91 0.21 7.86
C THR A 286 1.74 0.93 6.83
N ALA A 287 2.51 1.92 7.27
CA ALA A 287 3.42 2.65 6.41
C ALA A 287 4.64 3.07 7.22
N CYS A 288 5.78 3.21 6.56
CA CYS A 288 7.03 3.56 7.23
C CYS A 288 7.53 4.90 6.72
N HIS A 289 7.90 5.79 7.64
CA HIS A 289 8.36 7.13 7.29
C HIS A 289 9.65 7.06 6.47
N PRO A 290 9.83 7.98 5.50
CA PRO A 290 10.99 7.83 4.60
C PRO A 290 12.36 8.13 5.23
N THR A 291 12.42 8.90 6.31
CA THR A 291 13.72 9.23 6.91
C THR A 291 13.81 8.97 8.41
N GLU A 292 12.68 8.96 9.11
CA GLU A 292 12.69 8.71 10.54
C GLU A 292 12.09 7.35 10.87
N ASN A 293 12.42 6.85 12.06
CA ASN A 293 11.90 5.56 12.52
C ASN A 293 10.49 5.72 13.05
N ILE A 294 9.55 5.98 12.14
CA ILE A 294 8.15 6.18 12.49
C ILE A 294 7.29 5.23 11.66
N ILE A 295 6.36 4.54 12.33
CA ILE A 295 5.36 3.72 11.64
C ILE A 295 3.97 4.33 11.79
N ALA A 296 3.21 4.37 10.70
CA ALA A 296 1.80 4.70 10.81
C ALA A 296 0.99 3.44 10.62
N SER A 297 -0.03 3.25 11.45
CA SER A 297 -0.95 2.11 11.30
C SER A 297 -2.40 2.58 11.29
N ALA A 298 -3.28 1.81 10.65
CA ALA A 298 -4.69 2.18 10.62
C ALA A 298 -5.57 0.94 10.67
N ALA A 299 -6.75 1.08 11.26
CA ALA A 299 -7.60 -0.08 11.50
C ALA A 299 -9.01 0.04 10.89
N LEU A 300 -9.73 -1.08 10.89
CA LEU A 300 -11.02 -1.19 10.24
C LEU A 300 -12.15 -0.62 11.10
N GLU A 301 -13.38 -0.99 10.77
CA GLU A 301 -14.60 -0.28 11.19
C GLU A 301 -14.80 -0.12 12.71
N ASN A 302 -14.41 -1.12 13.48
CA ASN A 302 -14.69 -1.05 14.93
C ASN A 302 -13.67 -0.19 15.68
N ASP A 303 -12.67 0.31 14.97
CA ASP A 303 -11.59 1.11 15.56
C ASP A 303 -11.57 2.54 14.98
N LYS A 304 -11.35 2.61 13.66
CA LYS A 304 -11.42 3.88 12.91
C LYS A 304 -10.23 4.82 13.12
N THR A 305 -9.24 4.42 13.90
CA THR A 305 -8.15 5.35 14.18
C THR A 305 -6.87 4.99 13.46
N ILE A 306 -6.00 5.99 13.37
CA ILE A 306 -4.67 5.89 12.84
C ILE A 306 -3.70 6.09 14.00
N LYS A 307 -2.63 5.31 14.06
CA LYS A 307 -1.66 5.49 15.14
C LYS A 307 -0.26 5.75 14.61
N LEU A 308 0.47 6.63 15.29
CA LEU A 308 1.84 6.94 14.94
C LEU A 308 2.75 6.42 16.03
N TRP A 309 3.69 5.56 15.64
CA TRP A 309 4.60 4.91 16.59
C TRP A 309 6.02 5.33 16.27
N LYS A 310 6.85 5.57 17.28
N LYS A 310 6.85 5.54 17.29
CA LYS A 310 8.22 5.94 17.02
CA LYS A 310 8.21 5.96 17.06
C LYS A 310 9.24 5.12 17.80
C LYS A 310 9.20 5.07 17.81
N SER A 311 10.34 4.84 17.18
CA SER A 311 11.41 4.04 17.76
C SER A 311 12.71 4.85 17.75
N ASP A 312 13.65 4.51 18.63
CA ASP A 312 14.93 5.19 18.61
C ASP A 312 15.94 4.46 17.70
N CYS A 313 15.51 3.34 17.13
CA CYS A 313 16.36 2.58 16.22
C CYS A 313 15.57 1.79 15.18
O01 G1Y B . -9.42 -6.67 2.14
C02 G1Y B . -10.58 -6.46 2.03
C03 G1Y B . -11.46 -7.25 1.07
C04 G1Y B . -12.73 -6.62 0.53
C05 G1Y B . -13.61 -7.41 -0.43
C06 G1Y B . -13.21 -8.82 -0.84
C07 G1Y B . -11.93 -9.44 -0.30
C08 G1Y B . -11.04 -8.67 0.66
N09 G1Y B . -11.24 -5.43 2.78
C10 G1Y B . -10.47 -4.68 3.73
C11 G1Y B . -9.91 -3.50 2.98
C12 G1Y B . -10.70 -2.20 2.91
C13 G1Y B . -10.17 -1.00 2.16
C14 G1Y B . -8.82 -1.09 1.46
C15 G1Y B . -8.08 -2.40 1.52
C16 G1Y B . -6.78 -2.57 0.79
C17 G1Y B . -6.41 -1.88 -0.36
N18 G1Y B . -5.22 -2.36 -0.71
C19 G1Y B . -4.12 -2.23 -1.73
C20 G1Y B . -2.99 -3.12 -1.33
C21 G1Y B . -3.49 -3.94 -0.20
C22 G1Y B . -4.86 -3.37 0.19
N23 G1Y B . -5.84 -3.50 1.11
C24 G1Y B . -8.59 -3.62 2.26
S DMS C . -0.62 20.81 2.31
O DMS C . 0.67 21.31 1.76
C1 DMS C . -0.39 19.14 2.97
C2 DMS C . -0.99 21.71 3.84
#